data_6MJN
#
_entry.id   6MJN
#
_cell.length_a   76.550
_cell.length_b   51.400
_cell.length_c   82.340
_cell.angle_alpha   90.000
_cell.angle_beta   110.090
_cell.angle_gamma   90.000
#
_symmetry.space_group_name_H-M   'P 1 21 1'
#
loop_
_entity.id
_entity.type
_entity.pdbx_description
1 polymer 'Organic hydroperoxide resistance protein'
2 non-polymer 'CHLORIDE ION'
3 water water
#
_entity_poly.entity_id   1
_entity_poly.type   'polypeptide(L)'
_entity_poly.pdbx_seq_one_letter_code
;MAHHHHHHMKALYTTIAKAHGGRNGHVETTDGLLKLDLAMPRELGGEGGATNPEQLFAAGYAACFESAIRHVANVQKISL
EDVSMTSEVSLYATPEKGFKLGVALHAHITGLNQNEAEALVAKAHEVCPYSNAIRGNVDVKLSVSVK
;
_entity_poly.pdbx_strand_id   A,B,C,D
#
loop_
_chem_comp.id
_chem_comp.type
_chem_comp.name
_chem_comp.formula
CL non-polymer 'CHLORIDE ION' 'Cl -1'
#
# COMPACT_ATOMS: atom_id res chain seq x y z
N LYS A 10 3.20 13.26 -37.45
CA LYS A 10 1.85 13.65 -37.07
C LYS A 10 1.09 12.46 -36.47
N ALA A 11 0.17 12.75 -35.56
CA ALA A 11 -0.57 11.70 -34.88
C ALA A 11 -1.40 10.88 -35.85
N LEU A 12 -1.41 9.56 -35.66
CA LEU A 12 -2.33 8.72 -36.42
C LEU A 12 -3.75 8.84 -35.89
N TYR A 13 -3.90 9.12 -34.59
CA TYR A 13 -5.18 9.09 -33.93
C TYR A 13 -5.03 9.82 -32.61
N THR A 14 -6.04 10.62 -32.23
CA THR A 14 -6.00 11.35 -30.97
C THR A 14 -7.36 11.24 -30.31
N THR A 15 -7.35 11.08 -28.98
CA THR A 15 -8.59 10.98 -28.23
C THR A 15 -8.42 11.69 -26.89
N ILE A 16 -9.54 12.16 -26.33
CA ILE A 16 -9.55 12.97 -25.11
C ILE A 16 -10.54 12.36 -24.13
N ALA A 17 -10.10 12.18 -22.89
CA ALA A 17 -10.99 11.72 -21.82
C ALA A 17 -10.98 12.77 -20.71
N LYS A 18 -12.12 12.90 -20.03
CA LYS A 18 -12.27 13.84 -18.92
CA LYS A 18 -12.27 13.83 -18.92
C LYS A 18 -12.80 13.07 -17.71
N ALA A 19 -12.10 13.16 -16.59
CA ALA A 19 -12.50 12.48 -15.37
C ALA A 19 -12.85 13.49 -14.28
N HIS A 20 -13.84 13.14 -13.45
CA HIS A 20 -14.23 14.01 -12.34
CA HIS A 20 -14.18 14.00 -12.32
C HIS A 20 -14.86 13.17 -11.24
N GLY A 21 -14.83 13.69 -10.02
CA GLY A 21 -15.54 13.10 -8.89
C GLY A 21 -14.72 12.20 -7.99
N GLY A 22 -13.43 12.04 -8.26
CA GLY A 22 -12.61 11.19 -7.42
C GLY A 22 -12.68 9.74 -7.81
N ARG A 23 -12.05 8.90 -6.97
CA ARG A 23 -11.95 7.46 -7.23
C ARG A 23 -13.32 6.81 -7.37
N ASN A 24 -14.37 7.41 -6.80
CA ASN A 24 -15.74 6.96 -7.01
C ASN A 24 -16.50 7.93 -7.94
N GLY A 25 -15.79 8.50 -8.92
CA GLY A 25 -16.40 9.42 -9.84
C GLY A 25 -16.79 8.84 -11.19
N HIS A 26 -16.36 9.50 -12.27
CA HIS A 26 -16.87 9.26 -13.61
C HIS A 26 -15.83 9.72 -14.62
N VAL A 27 -15.71 9.01 -15.74
CA VAL A 27 -14.80 9.40 -16.81
C VAL A 27 -15.48 9.12 -18.15
N GLU A 28 -15.28 10.02 -19.12
CA GLU A 28 -15.89 9.89 -20.44
C GLU A 28 -14.94 10.41 -21.51
N THR A 29 -14.97 9.78 -22.67
CA THR A 29 -14.29 10.38 -23.82
C THR A 29 -15.19 11.44 -24.44
N THR A 30 -14.55 12.41 -25.08
CA THR A 30 -15.32 13.53 -25.63
C THR A 30 -16.25 13.10 -26.74
N ASP A 31 -15.92 12.01 -27.45
CA ASP A 31 -16.83 11.55 -28.49
C ASP A 31 -17.93 10.64 -27.95
N GLY A 32 -17.95 10.37 -26.64
CA GLY A 32 -19.03 9.61 -26.03
C GLY A 32 -18.93 8.10 -26.17
N LEU A 33 -17.90 7.57 -26.83
CA LEU A 33 -17.81 6.12 -27.05
C LEU A 33 -17.50 5.36 -25.77
N LEU A 34 -16.87 6.02 -24.79
CA LEU A 34 -16.52 5.42 -23.51
C LEU A 34 -17.07 6.32 -22.41
N LYS A 35 -18.01 5.80 -21.62
CA LYS A 35 -18.64 6.53 -20.51
C LYS A 35 -18.70 5.55 -19.34
N LEU A 36 -18.00 5.86 -18.24
CA LEU A 36 -17.79 4.88 -17.17
C LEU A 36 -17.90 5.52 -15.80
N ASP A 37 -18.69 4.92 -14.92
CA ASP A 37 -18.58 5.17 -13.50
C ASP A 37 -17.37 4.46 -12.93
N LEU A 38 -16.76 5.04 -11.89
CA LEU A 38 -15.60 4.46 -11.23
C LEU A 38 -15.90 4.16 -9.77
N ALA A 39 -15.09 3.28 -9.17
CA ALA A 39 -15.15 3.04 -7.74
C ALA A 39 -13.80 2.52 -7.25
N MET A 40 -13.46 2.87 -6.01
CA MET A 40 -12.27 2.28 -5.40
C MET A 40 -12.57 0.84 -5.03
N PRO A 41 -11.68 -0.10 -5.34
CA PRO A 41 -11.98 -1.51 -5.04
C PRO A 41 -11.99 -1.76 -3.55
N ARG A 42 -12.69 -2.85 -3.17
CA ARG A 42 -12.77 -3.22 -1.76
C ARG A 42 -11.39 -3.56 -1.20
N GLU A 43 -10.50 -4.07 -2.05
CA GLU A 43 -9.14 -4.41 -1.60
C GLU A 43 -8.38 -3.18 -1.15
N LEU A 44 -8.76 -2.00 -1.65
CA LEU A 44 -8.12 -0.75 -1.26
C LEU A 44 -8.94 0.03 -0.24
N GLY A 45 -10.04 -0.55 0.26
CA GLY A 45 -10.88 0.11 1.23
C GLY A 45 -12.15 0.72 0.67
N GLY A 46 -12.40 0.61 -0.63
CA GLY A 46 -13.59 1.18 -1.25
C GLY A 46 -14.75 0.22 -1.25
N GLU A 47 -15.76 0.55 -2.07
CA GLU A 47 -16.98 -0.24 -2.16
C GLU A 47 -17.07 -1.10 -3.42
N GLY A 48 -16.16 -0.93 -4.37
CA GLY A 48 -16.29 -1.69 -5.60
C GLY A 48 -17.58 -1.33 -6.32
N GLY A 49 -18.01 -2.22 -7.20
CA GLY A 49 -19.26 -2.06 -7.92
C GLY A 49 -19.16 -1.26 -9.20
N ALA A 50 -17.96 -0.82 -9.56
CA ALA A 50 -17.67 -0.12 -10.80
C ALA A 50 -16.18 -0.28 -11.07
N THR A 51 -15.76 0.08 -12.27
CA THR A 51 -14.40 -0.20 -12.72
C THR A 51 -13.43 0.81 -12.09
N ASN A 52 -12.17 0.81 -12.52
CA ASN A 52 -11.10 1.58 -11.91
C ASN A 52 -9.93 1.66 -12.90
N PRO A 53 -8.91 2.50 -12.61
CA PRO A 53 -7.83 2.66 -13.61
C PRO A 53 -6.99 1.42 -13.85
N GLU A 54 -6.90 0.50 -12.87
CA GLU A 54 -6.15 -0.74 -13.12
C GLU A 54 -6.89 -1.65 -14.08
N GLN A 55 -8.21 -1.76 -13.95
CA GLN A 55 -8.99 -2.54 -14.92
C GLN A 55 -8.94 -1.92 -16.31
N LEU A 56 -9.01 -0.58 -16.41
CA LEU A 56 -8.93 0.07 -17.71
C LEU A 56 -7.60 -0.26 -18.38
N PHE A 57 -6.50 -0.19 -17.62
CA PHE A 57 -5.19 -0.53 -18.17
C PHE A 57 -5.13 -1.99 -18.57
N ALA A 58 -5.63 -2.88 -17.70
CA ALA A 58 -5.62 -4.32 -18.01
C ALA A 58 -6.35 -4.59 -19.31
N ALA A 59 -7.55 -4.03 -19.46
CA ALA A 59 -8.35 -4.29 -20.65
C ALA A 59 -7.69 -3.70 -21.90
N GLY A 60 -7.18 -2.48 -21.80
CA GLY A 60 -6.54 -1.88 -22.94
C GLY A 60 -5.28 -2.62 -23.34
N TYR A 61 -4.52 -3.11 -22.35
CA TYR A 61 -3.28 -3.83 -22.67
C TYR A 61 -3.59 -5.17 -23.34
N ALA A 62 -4.58 -5.90 -22.83
CA ALA A 62 -4.95 -7.18 -23.44
C ALA A 62 -5.39 -7.00 -24.89
N ALA A 63 -6.20 -5.97 -25.14
CA ALA A 63 -6.64 -5.72 -26.52
C ALA A 63 -5.48 -5.23 -27.38
N CYS A 64 -4.67 -4.32 -26.85
CA CYS A 64 -3.56 -3.77 -27.63
C CYS A 64 -2.56 -4.86 -28.01
N PHE A 65 -2.25 -5.74 -27.06
CA PHE A 65 -1.27 -6.79 -27.37
C PHE A 65 -1.83 -7.81 -28.35
N GLU A 66 -3.12 -8.13 -28.22
CA GLU A 66 -3.72 -9.05 -29.19
C GLU A 66 -3.66 -8.46 -30.60
N SER A 67 -3.90 -7.16 -30.73
CA SER A 67 -3.83 -6.50 -32.03
C SER A 67 -2.40 -6.53 -32.58
N ALA A 68 -1.41 -6.37 -31.69
CA ALA A 68 -0.01 -6.42 -32.13
C ALA A 68 0.37 -7.81 -32.64
N ILE A 69 -0.10 -8.87 -31.97
CA ILE A 69 0.15 -10.22 -32.47
C ILE A 69 -0.41 -10.37 -33.89
N ARG A 70 -1.68 -9.98 -34.09
CA ARG A 70 -2.27 -10.13 -35.42
C ARG A 70 -1.58 -9.26 -36.46
N HIS A 71 -1.11 -8.08 -36.06
CA HIS A 71 -0.42 -7.18 -36.99
C HIS A 71 0.90 -7.77 -37.47
N VAL A 72 1.74 -8.23 -36.54
CA VAL A 72 2.99 -8.89 -36.91
C VAL A 72 2.74 -10.11 -37.78
N ALA A 73 1.72 -10.90 -37.42
CA ALA A 73 1.42 -12.10 -38.20
C ALA A 73 1.01 -11.75 -39.62
N ASN A 74 0.27 -10.66 -39.76
CA ASN A 74 -0.16 -10.25 -41.10
C ASN A 74 1.03 -9.80 -41.93
N VAL A 75 1.91 -9.00 -41.33
CA VAL A 75 3.11 -8.53 -42.01
C VAL A 75 4.04 -9.69 -42.38
N GLN A 76 4.21 -10.65 -41.47
CA GLN A 76 5.13 -11.75 -41.70
C GLN A 76 4.51 -12.90 -42.47
N LYS A 77 3.25 -12.77 -42.90
CA LYS A 77 2.58 -13.81 -43.67
C LYS A 77 2.53 -15.12 -42.89
N ILE A 78 2.17 -15.01 -41.62
CA ILE A 78 1.99 -16.14 -40.71
C ILE A 78 0.48 -16.35 -40.53
N SER A 79 -0.01 -17.53 -40.93
CA SER A 79 -1.43 -17.82 -40.82
C SER A 79 -1.77 -18.21 -39.38
N LEU A 80 -2.62 -17.40 -38.74
CA LEU A 80 -3.09 -17.62 -37.38
C LEU A 80 -4.52 -18.13 -37.43
N GLU A 81 -4.79 -19.23 -36.74
CA GLU A 81 -6.18 -19.65 -36.70
C GLU A 81 -6.96 -18.86 -35.67
N ASP A 82 -6.31 -18.45 -34.58
CA ASP A 82 -7.00 -17.69 -33.55
C ASP A 82 -5.97 -17.18 -32.56
N VAL A 83 -6.35 -16.09 -31.87
CA VAL A 83 -5.56 -15.52 -30.78
C VAL A 83 -6.54 -14.98 -29.75
N SER A 84 -6.24 -15.22 -28.48
CA SER A 84 -6.89 -14.47 -27.41
C SER A 84 -5.80 -14.08 -26.42
N MET A 85 -6.06 -13.03 -25.65
CA MET A 85 -5.06 -12.43 -24.81
C MET A 85 -5.62 -12.22 -23.40
N THR A 86 -4.88 -12.67 -22.40
CA THR A 86 -5.17 -12.40 -21.00
C THR A 86 -4.10 -11.45 -20.45
N SER A 87 -4.53 -10.42 -19.74
CA SER A 87 -3.59 -9.59 -19.00
C SER A 87 -3.99 -9.64 -17.53
N GLU A 88 -3.01 -9.60 -16.67
CA GLU A 88 -3.25 -9.55 -15.23
C GLU A 88 -2.47 -8.36 -14.69
N VAL A 89 -3.16 -7.43 -14.07
CA VAL A 89 -2.56 -6.19 -13.59
C VAL A 89 -2.68 -6.14 -12.07
N SER A 90 -1.56 -5.88 -11.40
CA SER A 90 -1.51 -5.81 -9.94
C SER A 90 -0.96 -4.47 -9.50
N LEU A 91 -1.36 -4.06 -8.29
CA LEU A 91 -0.84 -2.88 -7.61
C LEU A 91 0.03 -3.33 -6.45
N TYR A 92 1.20 -2.70 -6.32
CA TYR A 92 2.14 -2.96 -5.23
C TYR A 92 2.46 -1.64 -4.53
N ALA A 93 2.68 -1.72 -3.22
CA ALA A 93 2.98 -0.52 -2.43
C ALA A 93 4.48 -0.25 -2.46
N THR A 94 4.88 0.99 -2.78
CA THR A 94 6.30 1.26 -2.73
C THR A 94 6.63 2.15 -1.53
N PRO A 95 7.84 2.03 -0.97
CA PRO A 95 8.25 2.98 0.07
C PRO A 95 8.39 4.40 -0.44
N GLU A 96 8.76 4.57 -1.71
CA GLU A 96 9.06 5.88 -2.26
C GLU A 96 7.89 6.45 -3.05
N LYS A 97 7.62 5.89 -4.25
CA LYS A 97 6.75 6.52 -5.24
C LYS A 97 5.30 6.07 -5.12
N GLY A 98 4.86 5.62 -3.96
CA GLY A 98 3.45 5.26 -3.79
C GLY A 98 3.16 3.87 -4.29
N PHE A 99 2.14 3.72 -5.12
CA PHE A 99 1.79 2.42 -5.66
C PHE A 99 2.41 2.25 -7.05
N LYS A 100 2.67 0.99 -7.42
CA LYS A 100 3.36 0.66 -8.65
C LYS A 100 2.64 -0.48 -9.35
N LEU A 101 2.55 -0.42 -10.68
CA LEU A 101 1.93 -1.49 -11.46
C LEU A 101 2.90 -2.62 -11.76
N GLY A 102 2.37 -3.85 -11.81
CA GLY A 102 3.07 -4.98 -12.39
C GLY A 102 2.10 -5.72 -13.28
N VAL A 103 2.62 -6.42 -14.30
CA VAL A 103 1.76 -7.01 -15.33
C VAL A 103 2.22 -8.43 -15.66
N ALA A 104 1.25 -9.34 -15.85
CA ALA A 104 1.50 -10.64 -16.45
C ALA A 104 0.61 -10.76 -17.69
N LEU A 105 1.20 -11.14 -18.83
CA LEU A 105 0.45 -11.29 -20.07
C LEU A 105 0.49 -12.75 -20.46
N HIS A 106 -0.64 -13.29 -20.95
CA HIS A 106 -0.68 -14.70 -21.36
C HIS A 106 -1.40 -14.76 -22.69
N ALA A 107 -0.66 -15.00 -23.77
CA ALA A 107 -1.25 -15.15 -25.10
C ALA A 107 -1.67 -16.60 -25.33
N HIS A 108 -2.82 -16.81 -25.99
CA HIS A 108 -3.29 -18.15 -26.38
C HIS A 108 -3.44 -18.14 -27.89
N ILE A 109 -2.65 -18.95 -28.57
CA ILE A 109 -2.55 -18.87 -30.02
C ILE A 109 -2.87 -20.23 -30.60
N THR A 110 -3.72 -20.25 -31.61
CA THR A 110 -4.07 -21.48 -32.30
C THR A 110 -3.41 -21.49 -33.67
N GLY A 111 -2.74 -22.60 -34.00
CA GLY A 111 -2.24 -22.84 -35.34
C GLY A 111 -0.75 -22.73 -35.51
N LEU A 112 0.01 -22.48 -34.44
CA LEU A 112 1.46 -22.40 -34.46
C LEU A 112 2.03 -23.31 -33.40
N ASN A 113 3.20 -23.88 -33.66
CA ASN A 113 3.88 -24.63 -32.62
C ASN A 113 4.50 -23.67 -31.62
N GLN A 114 5.04 -24.25 -30.54
CA GLN A 114 5.48 -23.41 -29.42
C GLN A 114 6.59 -22.44 -29.83
N ASN A 115 7.62 -22.92 -30.53
CA ASN A 115 8.72 -22.05 -30.96
C ASN A 115 8.22 -20.91 -31.85
N GLU A 116 7.34 -21.23 -32.82
CA GLU A 116 6.79 -20.19 -33.69
C GLU A 116 6.00 -19.16 -32.90
N ALA A 117 5.17 -19.61 -31.97
CA ALA A 117 4.35 -18.70 -31.19
C ALA A 117 5.21 -17.81 -30.30
N GLU A 118 6.27 -18.36 -29.69
CA GLU A 118 7.15 -17.55 -28.86
CA GLU A 118 7.12 -17.54 -28.86
C GLU A 118 7.79 -16.45 -29.68
N ALA A 119 8.27 -16.78 -30.88
CA ALA A 119 8.88 -15.77 -31.72
C ALA A 119 7.88 -14.67 -32.08
N LEU A 120 6.64 -15.06 -32.39
CA LEU A 120 5.65 -14.07 -32.80
C LEU A 120 5.30 -13.15 -31.64
N VAL A 121 5.16 -13.72 -30.43
CA VAL A 121 4.77 -12.93 -29.27
C VAL A 121 5.91 -12.00 -28.86
N ALA A 122 7.17 -12.45 -29.01
CA ALA A 122 8.28 -11.57 -28.68
C ALA A 122 8.28 -10.36 -29.60
N LYS A 123 8.02 -10.56 -30.89
CA LYS A 123 7.95 -9.42 -31.80
C LYS A 123 6.76 -8.52 -31.48
N ALA A 124 5.60 -9.10 -31.18
CA ALA A 124 4.45 -8.29 -30.81
C ALA A 124 4.76 -7.39 -29.61
N HIS A 125 5.50 -7.91 -28.62
CA HIS A 125 5.88 -7.12 -27.45
C HIS A 125 6.69 -5.89 -27.85
N GLU A 126 7.41 -5.95 -28.98
CA GLU A 126 8.17 -4.77 -29.41
C GLU A 126 7.29 -3.71 -30.07
N VAL A 127 6.22 -4.15 -30.72
CA VAL A 127 5.35 -3.28 -31.54
C VAL A 127 4.22 -2.63 -30.74
N CYS A 128 3.73 -3.32 -29.71
CA CYS A 128 2.57 -2.87 -28.95
C CYS A 128 2.83 -1.52 -28.25
N PRO A 129 1.99 -0.51 -28.47
CA PRO A 129 2.26 0.80 -27.84
C PRO A 129 2.21 0.79 -26.32
N TYR A 130 1.33 0.00 -25.71
CA TYR A 130 1.34 -0.15 -24.24
C TYR A 130 2.69 -0.68 -23.77
N SER A 131 3.24 -1.68 -24.46
CA SER A 131 4.52 -2.25 -24.04
C SER A 131 5.61 -1.23 -24.14
N ASN A 132 5.66 -0.53 -25.27
CA ASN A 132 6.71 0.48 -25.38
CA ASN A 132 6.62 0.57 -25.49
C ASN A 132 6.50 1.61 -24.39
N ALA A 133 5.25 1.92 -24.00
CA ALA A 133 5.04 2.98 -23.00
C ALA A 133 5.65 2.62 -21.64
N ILE A 134 5.53 1.36 -21.20
CA ILE A 134 5.90 1.02 -19.83
C ILE A 134 7.28 0.39 -19.77
N ARG A 135 8.01 0.37 -20.88
CA ARG A 135 9.19 -0.47 -21.00
CA ARG A 135 9.17 -0.49 -20.97
C ARG A 135 10.21 -0.12 -19.92
N GLY A 136 10.67 -1.13 -19.18
CA GLY A 136 11.69 -0.96 -18.18
C GLY A 136 11.26 -0.34 -16.85
N ASN A 137 10.05 0.22 -16.75
CA ASN A 137 9.51 0.70 -15.49
C ASN A 137 8.57 -0.29 -14.84
N VAL A 138 7.98 -1.15 -15.65
CA VAL A 138 6.97 -2.08 -15.20
C VAL A 138 7.46 -3.46 -15.54
N ASP A 139 7.52 -4.33 -14.54
CA ASP A 139 7.80 -5.73 -14.78
C ASP A 139 6.66 -6.35 -15.58
N VAL A 140 6.96 -6.91 -16.75
CA VAL A 140 5.96 -7.56 -17.61
C VAL A 140 6.41 -9.00 -17.83
N LYS A 141 5.67 -9.95 -17.26
CA LYS A 141 5.92 -11.38 -17.48
C LYS A 141 5.05 -11.87 -18.64
N LEU A 142 5.69 -12.39 -19.67
CA LEU A 142 4.99 -12.79 -20.88
C LEU A 142 5.06 -14.31 -21.04
N SER A 143 3.90 -14.98 -21.18
CA SER A 143 3.83 -16.40 -21.48
C SER A 143 2.92 -16.64 -22.67
N VAL A 144 3.14 -17.76 -23.36
CA VAL A 144 2.30 -18.11 -24.50
CA VAL A 144 2.40 -18.13 -24.58
C VAL A 144 2.01 -19.59 -24.47
N SER A 145 0.75 -19.92 -24.72
CA SER A 145 0.24 -21.27 -24.82
C SER A 145 -0.29 -21.49 -26.23
N VAL A 146 -0.08 -22.67 -26.78
CA VAL A 146 -0.61 -22.94 -28.11
C VAL A 146 -1.59 -24.10 -28.04
N LYS A 147 -2.55 -24.07 -28.96
CA LYS A 147 -3.56 -25.10 -29.06
C LYS A 147 -3.50 -25.68 -30.47
N HIS B 8 9.36 -9.47 -4.34
CA HIS B 8 9.03 -10.13 -3.08
C HIS B 8 7.82 -9.45 -2.40
N MET B 9 7.35 -8.37 -3.00
CA MET B 9 6.23 -7.64 -2.45
C MET B 9 4.92 -8.27 -2.87
N LYS B 10 3.91 -8.13 -2.02
CA LYS B 10 2.60 -8.72 -2.26
C LYS B 10 1.70 -7.72 -2.96
N ALA B 11 0.90 -8.22 -3.90
CA ALA B 11 -0.05 -7.37 -4.61
C ALA B 11 -1.21 -6.98 -3.70
N LEU B 12 -1.48 -5.66 -3.61
CA LEU B 12 -2.63 -5.17 -2.84
C LEU B 12 -3.94 -5.45 -3.57
N TYR B 13 -3.89 -5.53 -4.90
CA TYR B 13 -5.06 -5.65 -5.75
C TYR B 13 -4.62 -6.25 -7.07
N THR B 14 -5.43 -7.15 -7.61
CA THR B 14 -5.11 -7.76 -8.90
C THR B 14 -6.39 -7.84 -9.71
N THR B 15 -6.31 -7.54 -11.00
CA THR B 15 -7.46 -7.65 -11.87
C THR B 15 -7.02 -8.32 -13.16
N ILE B 16 -7.92 -9.07 -13.77
CA ILE B 16 -7.60 -9.87 -14.96
C ILE B 16 -8.56 -9.48 -16.07
N ALA B 17 -8.04 -9.20 -17.26
CA ALA B 17 -8.87 -8.93 -18.45
C ALA B 17 -8.55 -9.91 -19.56
N LYS B 18 -9.58 -10.25 -20.36
CA LYS B 18 -9.41 -11.20 -21.46
C LYS B 18 -10.03 -10.57 -22.70
N ALA B 19 -9.23 -10.46 -23.76
CA ALA B 19 -9.65 -9.85 -25.02
C ALA B 19 -9.63 -10.92 -26.12
N HIS B 20 -10.59 -10.81 -27.05
CA HIS B 20 -10.68 -11.74 -28.16
CA HIS B 20 -10.68 -11.74 -28.17
C HIS B 20 -11.38 -11.04 -29.32
N GLY B 21 -11.19 -11.56 -30.51
CA GLY B 21 -11.88 -11.06 -31.68
C GLY B 21 -11.21 -9.92 -32.41
N GLY B 22 -9.98 -9.56 -32.03
CA GLY B 22 -9.26 -8.53 -32.75
C GLY B 22 -9.72 -7.11 -32.43
N ARG B 23 -9.35 -6.20 -33.34
CA ARG B 23 -9.61 -4.77 -33.12
C ARG B 23 -11.09 -4.45 -33.08
N ASN B 24 -11.92 -5.28 -33.73
CA ASN B 24 -13.36 -5.16 -33.64
C ASN B 24 -13.94 -6.16 -32.65
N GLY B 25 -13.14 -6.62 -31.70
CA GLY B 25 -13.56 -7.66 -30.78
C GLY B 25 -14.18 -7.16 -29.49
N HIS B 26 -13.73 -7.74 -28.38
CA HIS B 26 -14.40 -7.61 -27.10
C HIS B 26 -13.37 -7.87 -26.01
N VAL B 27 -13.51 -7.17 -24.88
CA VAL B 27 -12.63 -7.38 -23.73
C VAL B 27 -13.44 -7.25 -22.44
N GLU B 28 -13.18 -8.13 -21.47
CA GLU B 28 -13.91 -8.14 -20.20
C GLU B 28 -12.95 -8.42 -19.07
N THR B 29 -13.25 -7.86 -17.90
CA THR B 29 -12.55 -8.27 -16.69
C THR B 29 -13.22 -9.51 -16.15
N THR B 30 -12.44 -10.32 -15.44
CA THR B 30 -12.94 -11.57 -14.88
C THR B 30 -14.06 -11.32 -13.88
N ASP B 31 -14.03 -10.20 -13.16
CA ASP B 31 -15.11 -9.94 -12.21
C ASP B 31 -16.32 -9.27 -12.87
N GLY B 32 -16.32 -9.15 -14.19
CA GLY B 32 -17.45 -8.61 -14.92
C GLY B 32 -17.72 -7.14 -14.75
N LEU B 33 -16.88 -6.41 -14.02
CA LEU B 33 -17.17 -5.00 -13.81
C LEU B 33 -16.96 -4.17 -15.07
N LEU B 34 -16.09 -4.63 -15.97
CA LEU B 34 -15.82 -3.93 -17.21
C LEU B 34 -16.05 -4.91 -18.35
N LYS B 35 -16.98 -4.58 -19.25
CA LYS B 35 -17.33 -5.42 -20.40
C LYS B 35 -17.48 -4.50 -21.60
N LEU B 36 -16.61 -4.63 -22.60
CA LEU B 36 -16.48 -3.58 -23.62
C LEU B 36 -16.33 -4.16 -25.01
N ASP B 37 -17.15 -3.68 -25.94
CA ASP B 37 -16.90 -3.89 -27.37
C ASP B 37 -15.82 -2.95 -27.84
N LEU B 38 -15.07 -3.37 -28.86
CA LEU B 38 -13.95 -2.62 -29.40
C LEU B 38 -14.17 -2.38 -30.89
N ALA B 39 -13.58 -1.30 -31.39
CA ALA B 39 -13.56 -1.08 -32.84
C ALA B 39 -12.38 -0.20 -33.19
N MET B 40 -11.81 -0.45 -34.36
CA MET B 40 -10.77 0.42 -34.86
C MET B 40 -11.37 1.76 -35.24
N PRO B 41 -10.74 2.87 -34.85
CA PRO B 41 -11.32 4.19 -35.13
C PRO B 41 -11.38 4.50 -36.62
N ARG B 42 -12.32 5.39 -36.97
CA ARG B 42 -12.46 5.85 -38.34
C ARG B 42 -11.17 6.47 -38.85
N GLU B 43 -10.41 7.14 -37.98
CA GLU B 43 -9.19 7.80 -38.39
C GLU B 43 -8.14 6.83 -38.91
N LEU B 44 -8.25 5.54 -38.56
CA LEU B 44 -7.33 4.52 -39.07
C LEU B 44 -8.01 3.60 -40.09
N GLY B 45 -9.12 4.05 -40.68
CA GLY B 45 -9.83 3.23 -41.63
C GLY B 45 -10.77 2.21 -41.04
N GLY B 46 -11.02 2.27 -39.72
CA GLY B 46 -11.99 1.39 -39.09
C GLY B 46 -13.40 1.96 -39.15
N GLU B 47 -14.32 1.22 -38.52
CA GLU B 47 -15.72 1.63 -38.50
C GLU B 47 -16.09 2.49 -37.30
N GLY B 48 -15.23 2.56 -36.27
CA GLY B 48 -15.56 3.26 -35.04
C GLY B 48 -16.78 2.65 -34.39
N GLY B 49 -17.51 3.48 -33.63
CA GLY B 49 -18.73 3.03 -32.99
C GLY B 49 -18.54 2.22 -31.71
N ALA B 50 -17.30 2.03 -31.29
CA ALA B 50 -16.96 1.44 -29.99
C ALA B 50 -15.58 1.96 -29.56
N THR B 51 -15.19 1.65 -28.32
CA THR B 51 -13.94 2.20 -27.79
C THR B 51 -12.74 1.41 -28.29
N ASN B 52 -11.56 1.78 -27.82
CA ASN B 52 -10.30 1.23 -28.30
C ASN B 52 -9.24 1.39 -27.20
N PRO B 53 -8.07 0.73 -27.33
CA PRO B 53 -7.05 0.86 -26.28
C PRO B 53 -6.56 2.28 -26.00
N GLU B 54 -6.51 3.18 -26.99
CA GLU B 54 -6.07 4.55 -26.69
C GLU B 54 -7.05 5.26 -25.77
N GLN B 55 -8.36 5.04 -26.02
CA GLN B 55 -9.38 5.63 -25.14
C GLN B 55 -9.29 5.06 -23.74
N LEU B 56 -9.09 3.74 -23.64
CA LEU B 56 -8.97 3.12 -22.32
C LEU B 56 -7.78 3.68 -21.56
N PHE B 57 -6.65 3.93 -22.26
CA PHE B 57 -5.48 4.48 -21.60
C PHE B 57 -5.73 5.93 -21.19
N ALA B 58 -6.35 6.71 -22.08
CA ALA B 58 -6.68 8.09 -21.74
C ALA B 58 -7.62 8.15 -20.54
N ALA B 59 -8.62 7.29 -20.53
CA ALA B 59 -9.60 7.32 -19.43
C ALA B 59 -8.95 6.92 -18.12
N GLY B 60 -8.23 5.79 -18.11
CA GLY B 60 -7.51 5.38 -16.90
C GLY B 60 -6.52 6.43 -16.40
N TYR B 61 -5.78 7.06 -17.32
CA TYR B 61 -4.79 8.06 -16.92
C TYR B 61 -5.46 9.29 -16.31
N ALA B 62 -6.52 9.79 -16.94
CA ALA B 62 -7.22 10.96 -16.39
C ALA B 62 -7.71 10.69 -14.97
N ALA B 63 -8.26 9.50 -14.76
CA ALA B 63 -8.81 9.15 -13.45
C ALA B 63 -7.71 8.92 -12.44
N CYS B 64 -6.63 8.27 -12.86
CA CYS B 64 -5.53 8.01 -11.94
C CYS B 64 -4.87 9.31 -11.52
N PHE B 65 -4.70 10.25 -12.45
CA PHE B 65 -4.03 11.49 -12.12
C PHE B 65 -4.92 12.36 -11.26
N GLU B 66 -6.22 12.39 -11.54
CA GLU B 66 -7.14 13.12 -10.66
C GLU B 66 -7.03 12.61 -9.22
N SER B 67 -6.96 11.29 -9.05
CA SER B 67 -6.82 10.71 -7.72
C SER B 67 -5.51 11.12 -7.06
N ALA B 68 -4.43 11.20 -7.84
CA ALA B 68 -3.14 11.58 -7.26
C ALA B 68 -3.12 13.04 -6.82
N ILE B 69 -3.78 13.91 -7.58
CA ILE B 69 -3.97 15.29 -7.14
C ILE B 69 -4.72 15.33 -5.81
N ARG B 70 -5.85 14.61 -5.73
CA ARG B 70 -6.61 14.62 -4.49
C ARG B 70 -5.79 14.06 -3.34
N HIS B 71 -4.95 13.05 -3.62
CA HIS B 71 -4.17 12.43 -2.55
C HIS B 71 -3.10 13.38 -2.02
N VAL B 72 -2.34 14.01 -2.92
CA VAL B 72 -1.32 14.96 -2.48
C VAL B 72 -1.95 16.11 -1.69
N ALA B 73 -3.09 16.61 -2.16
CA ALA B 73 -3.73 17.74 -1.47
C ALA B 73 -4.16 17.36 -0.07
N ASN B 74 -4.65 16.12 0.10
CA ASN B 74 -5.06 15.65 1.42
C ASN B 74 -3.86 15.52 2.35
N VAL B 75 -2.77 14.93 1.85
CA VAL B 75 -1.56 14.76 2.64
C VAL B 75 -0.97 16.11 3.02
N GLN B 76 -0.92 17.05 2.07
CA GLN B 76 -0.33 18.35 2.30
C GLN B 76 -1.27 19.32 3.01
N LYS B 77 -2.51 18.90 3.29
CA LYS B 77 -3.51 19.77 3.90
C LYS B 77 -3.72 21.02 3.04
N ILE B 78 -3.84 20.79 1.73
CA ILE B 78 -4.04 21.85 0.74
C ILE B 78 -5.53 22.01 0.51
N SER B 79 -6.00 23.25 0.41
CA SER B 79 -7.42 23.58 0.36
C SER B 79 -7.95 23.46 -1.06
N LEU B 80 -8.08 22.20 -1.51
CA LEU B 80 -8.70 21.89 -2.79
C LEU B 80 -10.21 21.88 -2.66
N GLU B 81 -10.87 22.66 -3.51
CA GLU B 81 -12.33 22.58 -3.54
C GLU B 81 -12.78 21.51 -4.54
N ASP B 82 -12.30 21.59 -5.78
CA ASP B 82 -12.67 20.63 -6.81
C ASP B 82 -11.50 20.45 -7.78
N VAL B 83 -11.55 19.35 -8.53
CA VAL B 83 -10.59 19.12 -9.60
C VAL B 83 -11.26 18.26 -10.66
N SER B 84 -11.00 18.58 -11.93
CA SER B 84 -11.29 17.67 -13.00
C SER B 84 -10.02 17.50 -13.83
N MET B 85 -9.96 16.41 -14.59
CA MET B 85 -8.76 16.00 -15.28
C MET B 85 -9.10 15.63 -16.71
N THR B 86 -8.37 16.22 -17.64
CA THR B 86 -8.43 15.92 -19.06
C THR B 86 -7.12 15.24 -19.47
N SER B 87 -7.23 14.14 -20.20
CA SER B 87 -6.06 13.50 -20.80
C SER B 87 -6.28 13.43 -22.29
N GLU B 88 -5.24 13.74 -23.05
CA GLU B 88 -5.31 13.61 -24.50
C GLU B 88 -4.20 12.66 -24.92
N VAL B 89 -4.58 11.58 -25.58
CA VAL B 89 -3.65 10.50 -25.91
C VAL B 89 -3.60 10.36 -27.43
N SER B 90 -2.39 10.38 -27.98
CA SER B 90 -2.21 10.27 -29.42
C SER B 90 -1.37 9.04 -29.72
N LEU B 91 -1.65 8.43 -30.87
CA LEU B 91 -0.92 7.29 -31.36
C LEU B 91 0.01 7.77 -32.47
N TYR B 92 1.27 7.34 -32.42
CA TYR B 92 2.25 7.68 -33.44
C TYR B 92 2.94 6.42 -33.95
N ALA B 93 3.34 6.45 -35.22
CA ALA B 93 4.17 5.39 -35.78
C ALA B 93 5.63 5.63 -35.43
N THR B 94 6.40 4.50 -35.15
CA THR B 94 7.83 4.61 -34.86
C THR B 94 8.69 4.25 -36.06
N PRO B 95 9.89 4.82 -36.17
CA PRO B 95 10.83 4.39 -37.21
C PRO B 95 11.09 2.89 -37.23
N GLU B 96 10.92 2.20 -36.09
CA GLU B 96 11.16 0.78 -35.99
C GLU B 96 9.94 -0.06 -36.35
N LYS B 97 8.94 0.53 -37.01
CA LYS B 97 7.71 -0.12 -37.47
C LYS B 97 6.78 -0.55 -36.33
N GLY B 98 6.98 0.01 -35.14
CA GLY B 98 6.05 -0.14 -34.05
C GLY B 98 5.16 1.06 -33.86
N PHE B 99 4.56 1.17 -32.68
CA PHE B 99 3.67 2.27 -32.35
C PHE B 99 4.05 2.82 -30.99
N LYS B 100 3.79 4.11 -30.78
CA LYS B 100 4.03 4.72 -29.48
C LYS B 100 2.91 5.71 -29.14
N LEU B 101 2.78 5.98 -27.85
CA LEU B 101 1.81 6.94 -27.32
C LEU B 101 2.49 8.25 -26.95
N GLY B 102 1.75 9.35 -27.12
CA GLY B 102 2.07 10.62 -26.48
C GLY B 102 0.86 11.13 -25.74
N VAL B 103 1.10 11.95 -24.70
CA VAL B 103 0.06 12.34 -23.76
C VAL B 103 0.19 13.82 -23.41
N ALA B 104 -0.95 14.53 -23.37
CA ALA B 104 -1.05 15.85 -22.76
C ALA B 104 -2.09 15.77 -21.66
N LEU B 105 -1.74 16.26 -20.48
CA LEU B 105 -2.64 16.28 -19.32
C LEU B 105 -3.02 17.71 -19.01
N HIS B 106 -4.29 17.95 -18.70
CA HIS B 106 -4.69 19.30 -18.30
C HIS B 106 -5.54 19.20 -17.06
N ALA B 107 -5.06 19.77 -15.96
CA ALA B 107 -5.82 19.76 -14.72
C ALA B 107 -6.61 21.05 -14.57
N HIS B 108 -7.86 20.94 -14.10
CA HIS B 108 -8.67 22.10 -13.74
CA HIS B 108 -8.69 22.08 -13.75
C HIS B 108 -8.94 22.01 -12.25
N ILE B 109 -8.35 22.95 -11.49
CA ILE B 109 -8.35 22.92 -10.02
C ILE B 109 -9.04 24.17 -9.50
N THR B 110 -10.00 23.99 -8.57
CA THR B 110 -10.67 25.09 -7.89
C THR B 110 -10.13 25.23 -6.48
N GLY B 111 -9.90 26.47 -6.05
CA GLY B 111 -9.57 26.75 -4.66
C GLY B 111 -8.13 27.17 -4.41
N LEU B 112 -7.28 27.14 -5.43
CA LEU B 112 -5.87 27.50 -5.32
C LEU B 112 -5.56 28.61 -6.31
N ASN B 113 -4.50 29.37 -6.01
CA ASN B 113 -4.02 30.30 -7.04
C ASN B 113 -3.20 29.50 -8.07
N GLN B 114 -2.91 30.14 -9.20
CA GLN B 114 -2.30 29.41 -10.32
C GLN B 114 -0.98 28.76 -9.91
N ASN B 115 -0.14 29.47 -9.17
CA ASN B 115 1.16 28.90 -8.80
C ASN B 115 1.00 27.71 -7.85
N GLU B 116 0.16 27.85 -6.82
CA GLU B 116 -0.16 26.73 -5.94
C GLU B 116 -0.62 25.52 -6.71
N ALA B 117 -1.49 25.72 -7.71
CA ALA B 117 -2.00 24.61 -8.49
C ALA B 117 -0.90 23.96 -9.31
N GLU B 118 0.01 24.76 -9.88
CA GLU B 118 1.09 24.20 -10.68
C GLU B 118 2.00 23.32 -9.82
N ALA B 119 2.26 23.73 -8.58
CA ALA B 119 3.11 22.92 -7.70
C ALA B 119 2.39 21.63 -7.29
N LEU B 120 1.08 21.71 -7.06
CA LEU B 120 0.34 20.52 -6.65
C LEU B 120 0.31 19.48 -7.77
N VAL B 121 0.06 19.93 -8.99
CA VAL B 121 0.03 19.03 -10.14
C VAL B 121 1.41 18.39 -10.34
N ALA B 122 2.48 19.16 -10.15
CA ALA B 122 3.81 18.59 -10.30
C ALA B 122 4.05 17.47 -9.31
N LYS B 123 3.60 17.63 -8.06
CA LYS B 123 3.76 16.59 -7.06
C LYS B 123 2.91 15.37 -7.39
N ALA B 124 1.69 15.61 -7.88
CA ALA B 124 0.82 14.49 -8.25
C ALA B 124 1.46 13.64 -9.35
N HIS B 125 2.10 14.29 -10.33
CA HIS B 125 2.78 13.59 -11.42
C HIS B 125 3.84 12.61 -10.91
N GLU B 126 4.41 12.87 -9.74
CA GLU B 126 5.40 11.95 -9.18
C GLU B 126 4.78 10.77 -8.44
N VAL B 127 3.48 10.81 -8.16
CA VAL B 127 2.81 9.80 -7.35
C VAL B 127 1.90 8.90 -8.18
N CYS B 128 1.38 9.39 -9.29
CA CYS B 128 0.42 8.65 -10.09
C CYS B 128 1.08 7.40 -10.67
N PRO B 129 0.51 6.20 -10.48
CA PRO B 129 1.15 4.99 -11.02
C PRO B 129 1.24 4.95 -12.53
N TYR B 130 0.29 5.54 -13.26
CA TYR B 130 0.46 5.66 -14.71
C TYR B 130 1.68 6.51 -15.05
N SER B 131 1.84 7.64 -14.36
CA SER B 131 2.97 8.51 -14.67
C SER B 131 4.28 7.77 -14.41
N ASN B 132 4.35 7.02 -13.30
CA ASN B 132 5.58 6.29 -13.00
C ASN B 132 5.81 5.18 -13.98
N ALA B 133 4.74 4.56 -14.49
CA ALA B 133 4.90 3.47 -15.44
C ALA B 133 5.48 3.92 -16.77
N ILE B 134 5.28 5.19 -17.15
CA ILE B 134 5.69 5.63 -18.47
C ILE B 134 6.85 6.63 -18.41
N ARG B 135 7.42 6.87 -17.24
CA ARG B 135 8.51 7.84 -17.11
CA ARG B 135 8.49 7.86 -17.12
C ARG B 135 9.68 7.43 -18.00
N GLY B 136 10.31 8.41 -18.63
CA GLY B 136 11.44 8.13 -19.50
C GLY B 136 11.13 7.48 -20.83
N ASN B 137 9.85 7.10 -21.09
CA ASN B 137 9.42 6.48 -22.34
C ASN B 137 8.42 7.32 -23.12
N VAL B 138 7.53 8.01 -22.42
CA VAL B 138 6.43 8.75 -23.03
C VAL B 138 6.61 10.20 -22.64
N ASP B 139 6.56 11.06 -23.63
CA ASP B 139 6.53 12.50 -23.37
C ASP B 139 5.15 12.86 -22.84
N VAL B 140 5.10 13.47 -21.66
CA VAL B 140 3.84 13.91 -21.05
C VAL B 140 3.91 15.42 -20.88
N LYS B 141 2.96 16.12 -21.49
CA LYS B 141 2.86 17.58 -21.33
C LYS B 141 1.77 17.88 -20.32
N LEU B 142 2.10 18.69 -19.30
CA LEU B 142 1.15 19.04 -18.24
C LEU B 142 0.73 20.51 -18.34
N SER B 143 -0.55 20.77 -18.14
CA SER B 143 -1.01 22.15 -17.99
C SER B 143 -2.05 22.18 -16.89
N VAL B 144 -2.24 23.35 -16.31
CA VAL B 144 -3.21 23.47 -15.23
CA VAL B 144 -3.15 23.50 -15.17
C VAL B 144 -3.91 24.81 -15.32
N SER B 145 -5.21 24.79 -15.06
CA SER B 145 -6.02 25.99 -15.02
C SER B 145 -6.71 26.03 -13.68
N VAL B 146 -6.95 27.25 -13.17
CA VAL B 146 -7.66 27.40 -11.93
C VAL B 146 -8.93 28.20 -12.22
N LYS B 147 -9.88 28.11 -11.30
CA LYS B 147 -11.15 28.81 -11.48
C LYS B 147 -11.88 28.89 -10.15
N LYS C 10 -0.82 8.67 39.23
CA LYS C 10 0.61 8.71 38.95
C LYS C 10 1.06 7.49 38.16
N ALA C 11 2.10 7.65 37.35
CA ALA C 11 2.61 6.56 36.54
C ALA C 11 3.20 5.46 37.41
N LEU C 12 2.89 4.20 37.10
CA LEU C 12 3.51 3.09 37.80
C LEU C 12 4.92 2.80 37.28
N TYR C 13 5.18 3.10 36.00
CA TYR C 13 6.44 2.81 35.35
C TYR C 13 6.55 3.65 34.09
N THR C 14 7.75 4.16 33.83
CA THR C 14 8.00 4.97 32.65
C THR C 14 9.30 4.50 32.00
N THR C 15 9.30 4.42 30.68
CA THR C 15 10.47 4.03 29.91
C THR C 15 10.58 4.90 28.67
N ILE C 16 11.81 5.08 28.21
CA ILE C 16 12.11 6.00 27.11
C ILE C 16 12.95 5.26 26.08
N ALA C 17 12.54 5.34 24.81
CA ALA C 17 13.28 4.75 23.70
C ALA C 17 13.68 5.85 22.73
N LYS C 18 14.87 5.72 22.15
CA LYS C 18 15.35 6.64 21.12
C LYS C 18 15.73 5.86 19.87
N ALA C 19 15.25 6.33 18.72
CA ALA C 19 15.47 5.67 17.44
C ALA C 19 16.12 6.63 16.45
N HIS C 20 17.00 6.08 15.61
CA HIS C 20 17.65 6.85 14.57
C HIS C 20 17.97 5.93 13.40
N GLY C 21 18.27 6.53 12.25
CA GLY C 21 18.66 5.80 11.07
C GLY C 21 17.54 5.42 10.14
N GLY C 22 16.29 5.61 10.53
CA GLY C 22 15.18 5.27 9.68
C GLY C 22 14.75 3.83 9.79
N ARG C 23 14.24 3.27 8.69
CA ARG C 23 13.74 1.90 8.70
C ARG C 23 14.87 0.88 8.87
N ASN C 24 16.06 1.19 8.37
CA ASN C 24 17.22 0.32 8.52
C ASN C 24 18.18 0.84 9.59
N GLY C 25 17.63 1.33 10.71
CA GLY C 25 18.44 1.98 11.72
C GLY C 25 18.51 1.24 13.04
N HIS C 26 18.46 2.00 14.13
CA HIS C 26 18.77 1.49 15.45
C HIS C 26 17.84 2.14 16.46
N VAL C 27 17.51 1.40 17.53
CA VAL C 27 16.65 1.91 18.59
C VAL C 27 17.13 1.32 19.90
N GLU C 28 17.13 2.15 20.96
CA GLU C 28 17.63 1.77 22.27
C GLU C 28 16.74 2.39 23.34
N THR C 29 16.56 1.66 24.44
CA THR C 29 16.02 2.34 25.61
C THR C 29 17.14 3.10 26.31
N THR C 30 16.75 4.12 27.07
CA THR C 30 17.73 4.94 27.76
C THR C 30 18.50 4.17 28.81
N ASP C 31 17.92 3.09 29.35
CA ASP C 31 18.62 2.26 30.31
C ASP C 31 19.44 1.15 29.65
N GLY C 32 19.42 1.06 28.32
CA GLY C 32 20.21 0.07 27.61
C GLY C 32 19.72 -1.35 27.69
N LEU C 33 18.61 -1.62 28.38
CA LEU C 33 18.09 -2.98 28.48
C LEU C 33 17.63 -3.51 27.13
N LEU C 34 17.29 -2.64 26.18
CA LEU C 34 16.84 -3.03 24.85
C LEU C 34 17.66 -2.26 23.85
N LYS C 35 18.49 -2.97 23.09
CA LYS C 35 19.31 -2.36 22.04
C LYS C 35 19.10 -3.20 20.78
N LEU C 36 18.68 -2.56 19.70
CA LEU C 36 18.24 -3.31 18.53
C LEU C 36 18.60 -2.56 17.25
N ASP C 37 19.08 -3.31 16.27
CA ASP C 37 19.16 -2.83 14.90
C ASP C 37 17.85 -3.16 14.19
N LEU C 38 17.45 -2.26 13.29
CA LEU C 38 16.19 -2.38 12.59
C LEU C 38 16.44 -2.55 11.10
N ALA C 39 15.45 -3.11 10.42
CA ALA C 39 15.52 -3.27 8.97
C ALA C 39 14.10 -3.31 8.43
N MET C 40 13.87 -2.57 7.36
CA MET C 40 12.64 -2.70 6.61
C MET C 40 12.59 -4.11 6.03
N PRO C 41 11.50 -4.85 6.24
CA PRO C 41 11.45 -6.23 5.73
C PRO C 41 11.46 -6.28 4.20
N ARG C 42 11.85 -7.44 3.68
CA ARG C 42 11.92 -7.61 2.23
C ARG C 42 10.54 -7.49 1.60
N GLU C 43 9.49 -7.90 2.31
CA GLU C 43 8.13 -7.75 1.80
C GLU C 43 7.77 -6.30 1.51
N LEU C 44 8.48 -5.35 2.10
CA LEU C 44 8.21 -3.93 1.90
C LEU C 44 9.31 -3.22 1.13
N GLY C 45 10.34 -3.93 0.67
CA GLY C 45 11.40 -3.34 -0.13
C GLY C 45 12.77 -3.35 0.51
N GLY C 46 12.91 -3.77 1.77
CA GLY C 46 14.21 -3.84 2.41
C GLY C 46 14.90 -5.17 2.18
N GLU C 47 16.04 -5.33 2.84
CA GLU C 47 16.81 -6.57 2.76
C GLU C 47 16.60 -7.46 3.98
N GLY C 48 15.73 -7.06 4.91
CA GLY C 48 15.48 -7.85 6.10
C GLY C 48 16.74 -8.01 6.94
N GLY C 49 16.84 -9.16 7.60
CA GLY C 49 18.01 -9.49 8.39
C GLY C 49 18.04 -8.87 9.78
N ALA C 50 17.03 -8.08 10.15
CA ALA C 50 16.91 -7.50 11.47
C ALA C 50 15.42 -7.35 11.78
N THR C 51 15.12 -6.90 13.00
CA THR C 51 13.73 -6.79 13.42
C THR C 51 13.14 -5.44 12.98
N ASN C 52 11.90 -5.19 13.39
CA ASN C 52 11.15 -4.05 12.88
C ASN C 52 10.01 -3.75 13.85
N PRO C 53 9.34 -2.59 13.70
CA PRO C 53 8.30 -2.23 14.68
C PRO C 53 7.08 -3.14 14.68
N GLU C 54 6.79 -3.85 13.59
CA GLU C 54 5.71 -4.82 13.63
C GLU C 54 6.09 -6.02 14.49
N GLN C 55 7.34 -6.47 14.41
CA GLN C 55 7.79 -7.56 15.26
C GLN C 55 7.83 -7.13 16.72
N LEU C 56 8.24 -5.89 16.98
CA LEU C 56 8.27 -5.40 18.35
C LEU C 56 6.86 -5.33 18.93
N PHE C 57 5.89 -4.85 18.13
CA PHE C 57 4.50 -4.86 18.57
C PHE C 57 4.02 -6.29 18.85
N ALA C 58 4.28 -7.20 17.91
CA ALA C 58 3.87 -8.60 18.07
C ALA C 58 4.46 -9.19 19.34
N ALA C 59 5.76 -8.96 19.57
CA ALA C 59 6.42 -9.56 20.73
C ALA C 59 5.93 -8.92 22.02
N GLY C 60 5.77 -7.59 22.02
CA GLY C 60 5.23 -6.92 23.19
C GLY C 60 3.82 -7.35 23.50
N TYR C 61 3.01 -7.52 22.44
CA TYR C 61 1.61 -7.91 22.64
C TYR C 61 1.52 -9.32 23.19
N ALA C 62 2.30 -10.25 22.63
CA ALA C 62 2.24 -11.62 23.11
C ALA C 62 2.66 -11.71 24.58
N ALA C 63 3.72 -10.99 24.95
CA ALA C 63 4.16 -11.02 26.33
C ALA C 63 3.14 -10.32 27.24
N CYS C 64 2.64 -9.16 26.83
CA CYS C 64 1.63 -8.44 27.64
C CYS C 64 0.43 -9.34 27.93
N PHE C 65 -0.09 -9.98 26.89
CA PHE C 65 -1.29 -10.79 27.03
C PHE C 65 -1.03 -12.02 27.88
N GLU C 66 0.12 -12.67 27.69
CA GLU C 66 0.46 -13.81 28.54
C GLU C 66 0.54 -13.38 29.99
N SER C 67 1.16 -12.23 30.25
CA SER C 67 1.25 -11.73 31.62
C SER C 67 -0.14 -11.42 32.17
N ALA C 68 -1.03 -10.92 31.32
CA ALA C 68 -2.40 -10.64 31.75
C ALA C 68 -3.13 -11.92 32.12
N ILE C 69 -3.00 -12.96 31.29
CA ILE C 69 -3.58 -14.27 31.61
C ILE C 69 -3.15 -14.73 32.99
N ARG C 70 -1.83 -14.73 33.24
CA ARG C 70 -1.31 -15.23 34.51
C ARG C 70 -1.76 -14.34 35.68
N HIS C 71 -1.83 -13.03 35.45
CA HIS C 71 -2.23 -12.10 36.50
C HIS C 71 -3.69 -12.32 36.89
N VAL C 72 -4.58 -12.47 35.91
CA VAL C 72 -5.97 -12.73 36.17
C VAL C 72 -6.14 -14.03 36.94
N ALA C 73 -5.52 -15.11 36.46
CA ALA C 73 -5.66 -16.40 37.15
C ALA C 73 -5.14 -16.33 38.58
N ASN C 74 -4.05 -15.59 38.80
CA ASN C 74 -3.52 -15.42 40.15
C ASN C 74 -4.55 -14.71 41.04
N VAL C 75 -5.20 -13.68 40.52
CA VAL C 75 -6.19 -12.92 41.29
C VAL C 75 -7.42 -13.77 41.57
N GLN C 76 -7.92 -14.49 40.58
CA GLN C 76 -9.12 -15.31 40.73
C GLN C 76 -8.83 -16.70 41.28
N LYS C 77 -7.58 -16.97 41.67
CA LYS C 77 -7.20 -18.24 42.29
C LYS C 77 -7.49 -19.42 41.36
N ILE C 78 -7.28 -19.20 40.07
CA ILE C 78 -7.34 -20.26 39.07
C ILE C 78 -5.97 -20.89 38.96
N SER C 79 -5.90 -22.20 39.11
CA SER C 79 -4.62 -22.90 39.03
C SER C 79 -4.26 -23.13 37.56
N LEU C 80 -3.14 -22.57 37.14
CA LEU C 80 -2.65 -22.71 35.77
C LEU C 80 -1.43 -23.60 35.75
N GLU C 81 -1.47 -24.65 34.94
CA GLU C 81 -0.26 -25.43 34.70
C GLU C 81 0.70 -24.63 33.83
N ASP C 82 0.28 -24.25 32.63
CA ASP C 82 1.16 -23.49 31.75
C ASP C 82 0.32 -22.69 30.77
N VAL C 83 0.95 -21.67 30.20
CA VAL C 83 0.34 -20.88 29.14
C VAL C 83 1.45 -20.41 28.22
N SER C 84 1.20 -20.49 26.92
CA SER C 84 2.03 -19.87 25.92
C SER C 84 1.16 -18.98 25.05
N MET C 85 1.76 -17.97 24.45
CA MET C 85 1.01 -16.94 23.76
C MET C 85 1.64 -16.67 22.41
N THR C 86 0.83 -16.71 21.36
CA THR C 86 1.27 -16.38 20.01
C THR C 86 0.53 -15.13 19.52
N SER C 87 1.27 -14.21 18.92
CA SER C 87 0.66 -13.04 18.31
C SER C 87 1.06 -12.95 16.85
N GLU C 88 0.10 -12.67 15.98
CA GLU C 88 0.36 -12.54 14.55
C GLU C 88 -0.08 -11.15 14.13
N VAL C 89 0.87 -10.33 13.71
CA VAL C 89 0.63 -8.94 13.37
C VAL C 89 0.79 -8.77 11.87
N SER C 90 -0.16 -8.09 11.22
CA SER C 90 -0.11 -7.87 9.79
C SER C 90 -0.26 -6.39 9.48
N LEU C 91 0.33 -5.96 8.36
CA LEU C 91 0.20 -4.60 7.83
C LEU C 91 -0.69 -4.61 6.60
N TYR C 92 -1.58 -3.61 6.54
CA TYR C 92 -2.53 -3.42 5.45
C TYR C 92 -2.39 -1.99 4.92
N ALA C 93 -2.52 -1.82 3.60
CA ALA C 93 -2.46 -0.49 3.03
C ALA C 93 -3.79 0.23 3.22
N THR C 94 -3.74 1.55 3.30
CA THR C 94 -4.91 2.41 3.32
C THR C 94 -4.72 3.48 2.25
N PRO C 95 -5.81 4.11 1.79
CA PRO C 95 -5.65 5.15 0.76
C PRO C 95 -4.83 6.33 1.25
N GLU C 96 -5.11 6.81 2.45
CA GLU C 96 -4.59 8.08 2.95
C GLU C 96 -3.79 7.96 4.24
N LYS C 97 -4.19 7.06 5.14
CA LYS C 97 -3.69 7.04 6.52
C LYS C 97 -2.46 6.15 6.70
N GLY C 98 -1.75 5.80 5.62
CA GLY C 98 -0.61 4.94 5.79
C GLY C 98 -1.02 3.50 6.07
N PHE C 99 -0.06 2.72 6.56
CA PHE C 99 -0.35 1.33 6.89
C PHE C 99 -1.25 1.23 8.12
N LYS C 100 -1.99 0.13 8.20
CA LYS C 100 -2.88 -0.20 9.31
C LYS C 100 -2.49 -1.57 9.87
N LEU C 101 -2.49 -1.71 11.20
CA LEU C 101 -2.22 -3.00 11.82
C LEU C 101 -3.48 -3.85 11.96
N GLY C 102 -3.30 -5.17 11.84
CA GLY C 102 -4.30 -6.13 12.28
C GLY C 102 -3.60 -7.24 13.03
N VAL C 103 -4.32 -7.88 13.96
CA VAL C 103 -3.68 -8.82 14.90
C VAL C 103 -4.52 -10.08 15.07
N ALA C 104 -3.85 -11.23 15.13
CA ALA C 104 -4.45 -12.49 15.59
C ALA C 104 -3.70 -13.02 16.80
N LEU C 105 -4.45 -13.36 17.86
CA LEU C 105 -3.89 -13.81 19.13
C LEU C 105 -4.30 -15.25 19.38
N HIS C 106 -3.35 -16.08 19.82
CA HIS C 106 -3.64 -17.47 20.11
C HIS C 106 -2.96 -17.85 21.41
N ALA C 107 -3.78 -18.18 22.42
CA ALA C 107 -3.30 -18.71 23.68
C ALA C 107 -3.36 -20.22 23.67
N HIS C 108 -2.32 -20.85 24.21
CA HIS C 108 -2.32 -22.27 24.52
C HIS C 108 -2.25 -22.36 26.03
N ILE C 109 -3.24 -23.00 26.64
CA ILE C 109 -3.37 -23.05 28.09
C ILE C 109 -3.54 -24.51 28.52
N THR C 110 -2.73 -24.92 29.50
CA THR C 110 -2.78 -26.26 30.07
C THR C 110 -3.41 -26.21 31.45
N GLY C 111 -4.21 -27.22 31.78
CA GLY C 111 -4.80 -27.34 33.09
C GLY C 111 -6.23 -26.84 33.22
N LEU C 112 -6.82 -26.34 32.13
CA LEU C 112 -8.18 -25.86 32.13
C LEU C 112 -8.94 -26.47 30.96
N ASN C 113 -10.25 -26.59 31.10
CA ASN C 113 -11.08 -27.02 29.99
C ASN C 113 -11.30 -25.86 29.03
N GLN C 114 -12.07 -26.11 27.97
CA GLN C 114 -12.25 -25.09 26.93
C GLN C 114 -12.97 -23.87 27.50
N ASN C 115 -14.05 -24.08 28.24
CA ASN C 115 -14.82 -22.96 28.76
C ASN C 115 -14.01 -22.13 29.74
N GLU C 116 -13.29 -22.79 30.65
CA GLU C 116 -12.44 -22.06 31.59
C GLU C 116 -11.41 -21.23 30.85
N ALA C 117 -10.78 -21.82 29.84
CA ALA C 117 -9.68 -21.14 29.14
C ALA C 117 -10.18 -19.93 28.38
N GLU C 118 -11.30 -20.06 27.67
CA GLU C 118 -11.87 -18.92 26.95
C GLU C 118 -12.22 -17.79 27.91
N ALA C 119 -12.79 -18.12 29.07
CA ALA C 119 -13.19 -17.09 30.02
C ALA C 119 -11.98 -16.38 30.60
N LEU C 120 -10.91 -17.13 30.88
CA LEU C 120 -9.68 -16.51 31.37
C LEU C 120 -9.09 -15.59 30.31
N VAL C 121 -9.10 -16.01 29.05
CA VAL C 121 -8.55 -15.20 27.98
C VAL C 121 -9.45 -13.98 27.71
N ALA C 122 -10.77 -14.14 27.87
CA ALA C 122 -11.67 -13.01 27.72
C ALA C 122 -11.38 -11.93 28.76
N LYS C 123 -11.16 -12.33 30.01
CA LYS C 123 -10.82 -11.35 31.06
C LYS C 123 -9.45 -10.74 30.82
N ALA C 124 -8.46 -11.56 30.43
CA ALA C 124 -7.13 -11.02 30.17
C ALA C 124 -7.17 -9.95 29.09
N HIS C 125 -8.02 -10.13 28.10
CA HIS C 125 -8.14 -9.18 26.99
C HIS C 125 -8.68 -7.85 27.47
N GLU C 126 -9.46 -7.85 28.56
CA GLU C 126 -9.96 -6.60 29.13
C GLU C 126 -8.92 -5.90 29.98
N VAL C 127 -7.90 -6.64 30.42
CA VAL C 127 -6.91 -6.14 31.36
C VAL C 127 -5.63 -5.68 30.67
N CYS C 128 -5.19 -6.38 29.62
CA CYS C 128 -3.88 -6.09 29.02
C CYS C 128 -3.86 -4.66 28.45
N PRO C 129 -2.85 -3.86 28.81
CA PRO C 129 -2.78 -2.48 28.31
C PRO C 129 -2.66 -2.37 26.82
N TYR C 130 -2.03 -3.35 26.14
CA TYR C 130 -1.99 -3.35 24.67
C TYR C 130 -3.39 -3.42 24.09
N SER C 131 -4.19 -4.37 24.57
CA SER C 131 -5.57 -4.51 24.09
C SER C 131 -6.37 -3.24 24.31
N ASN C 132 -6.27 -2.68 25.52
CA ASN C 132 -6.98 -1.44 25.81
CA ASN C 132 -6.95 -1.43 25.84
C ASN C 132 -6.53 -0.31 24.90
N ALA C 133 -5.26 -0.28 24.51
CA ALA C 133 -4.75 0.79 23.67
C ALA C 133 -5.34 0.76 22.25
N ILE C 134 -5.67 -0.41 21.72
CA ILE C 134 -6.01 -0.53 20.31
C ILE C 134 -7.50 -0.80 20.09
N ARG C 135 -8.31 -0.76 21.15
CA ARG C 135 -9.75 -1.03 21.05
C ARG C 135 -10.39 -0.24 19.94
N GLY C 136 -11.20 -0.94 19.12
CA GLY C 136 -11.97 -0.29 18.08
C GLY C 136 -11.20 0.05 16.82
N ASN C 137 -9.88 0.22 16.91
CA ASN C 137 -9.05 0.64 15.78
C ASN C 137 -8.34 -0.49 15.08
N VAL C 138 -8.06 -1.57 15.81
CA VAL C 138 -7.33 -2.71 15.29
C VAL C 138 -8.22 -3.93 15.50
N ASP C 139 -8.49 -4.67 14.42
CA ASP C 139 -9.23 -5.91 14.59
C ASP C 139 -8.31 -6.96 15.20
N VAL C 140 -8.76 -7.54 16.32
CA VAL C 140 -7.98 -8.54 17.05
C VAL C 140 -8.80 -9.81 17.07
N LYS C 141 -8.31 -10.85 16.41
CA LYS C 141 -8.94 -12.15 16.45
C LYS C 141 -8.29 -12.96 17.56
N LEU C 142 -9.09 -13.44 18.50
CA LEU C 142 -8.58 -14.13 19.68
C LEU C 142 -9.05 -15.57 19.64
N SER C 143 -8.12 -16.51 19.80
CA SER C 143 -8.46 -17.92 19.92
C SER C 143 -7.63 -18.53 21.04
N VAL C 144 -8.13 -19.62 21.59
CA VAL C 144 -7.45 -20.32 22.68
C VAL C 144 -7.58 -21.82 22.46
N SER C 145 -6.51 -22.54 22.79
CA SER C 145 -6.43 -23.98 22.63
C SER C 145 -6.00 -24.60 23.96
N VAL C 146 -6.55 -25.76 24.26
CA VAL C 146 -6.13 -26.54 25.41
C VAL C 146 -5.70 -27.92 24.95
N HIS D 8 -11.41 -7.97 2.75
CA HIS D 8 -10.85 -8.22 1.43
C HIS D 8 -9.44 -7.62 1.28
N MET D 9 -9.00 -6.88 2.27
CA MET D 9 -7.68 -6.27 2.20
C MET D 9 -6.60 -7.33 2.40
N LYS D 10 -5.52 -7.22 1.63
CA LYS D 10 -4.45 -8.21 1.63
C LYS D 10 -3.34 -7.79 2.58
N ALA D 11 -2.90 -8.72 3.42
CA ALA D 11 -1.76 -8.47 4.29
C ALA D 11 -0.49 -8.29 3.47
N LEU D 12 0.16 -7.14 3.61
CA LEU D 12 1.40 -6.87 2.89
C LEU D 12 2.60 -7.50 3.56
N TYR D 13 2.56 -7.65 4.89
CA TYR D 13 3.63 -8.22 5.68
C TYR D 13 3.00 -8.84 6.92
N THR D 14 3.51 -10.00 7.34
CA THR D 14 2.96 -10.71 8.49
C THR D 14 4.12 -11.26 9.31
N THR D 15 4.05 -11.08 10.64
CA THR D 15 5.07 -11.64 11.52
C THR D 15 4.39 -12.26 12.74
N ILE D 16 5.04 -13.29 13.30
CA ILE D 16 4.48 -14.07 14.39
C ILE D 16 5.47 -14.11 15.55
N ALA D 17 4.99 -13.85 16.75
CA ALA D 17 5.80 -13.89 17.96
C ALA D 17 5.17 -14.86 18.95
N LYS D 18 6.01 -15.60 19.67
CA LYS D 18 5.52 -16.50 20.71
C LYS D 18 6.20 -16.18 22.03
N ALA D 19 5.40 -16.05 23.07
CA ALA D 19 5.88 -15.68 24.40
C ALA D 19 5.62 -16.82 25.36
N HIS D 20 6.54 -17.01 26.31
CA HIS D 20 6.40 -18.08 27.29
C HIS D 20 7.26 -17.76 28.50
N GLY D 21 6.84 -18.27 29.65
CA GLY D 21 7.62 -18.16 30.87
C GLY D 21 7.23 -17.05 31.81
N GLY D 22 6.16 -16.31 31.52
CA GLY D 22 5.71 -15.29 32.43
C GLY D 22 6.49 -13.99 32.31
N ARG D 23 6.34 -13.16 33.36
CA ARG D 23 6.97 -11.85 33.35
C ARG D 23 8.48 -11.94 33.29
N ASN D 24 9.05 -12.98 33.90
CA ASN D 24 10.47 -13.28 33.79
C ASN D 24 10.76 -14.26 32.66
N GLY D 25 9.88 -14.33 31.67
CA GLY D 25 9.96 -15.35 30.64
C GLY D 25 10.74 -14.97 29.39
N HIS D 26 10.20 -15.31 28.23
CA HIS D 26 10.91 -15.25 26.96
C HIS D 26 9.88 -15.09 25.83
N VAL D 27 10.27 -14.34 24.79
CA VAL D 27 9.44 -14.17 23.60
C VAL D 27 10.35 -14.17 22.37
N GLU D 28 9.86 -14.76 21.28
CA GLU D 28 10.64 -14.85 20.05
C GLU D 28 9.70 -14.77 18.86
N THR D 29 10.21 -14.22 17.75
CA THR D 29 9.51 -14.34 16.48
C THR D 29 9.88 -15.65 15.81
N THR D 30 8.96 -16.15 14.97
CA THR D 30 9.16 -17.47 14.39
C THR D 30 10.37 -17.51 13.47
N ASP D 31 10.74 -16.39 12.87
CA ASP D 31 11.91 -16.34 12.00
C ASP D 31 13.21 -16.13 12.76
N GLY D 32 13.15 -15.97 14.08
CA GLY D 32 14.34 -15.87 14.89
C GLY D 32 15.04 -14.53 14.88
N LEU D 33 14.48 -13.52 14.20
CA LEU D 33 15.13 -12.22 14.16
C LEU D 33 15.03 -11.50 15.50
N LEU D 34 14.00 -11.79 16.29
CA LEU D 34 13.81 -11.19 17.59
C LEU D 34 13.74 -12.30 18.64
N LYS D 35 14.66 -12.27 19.60
CA LYS D 35 14.73 -13.26 20.67
C LYS D 35 15.08 -12.51 21.95
N LEU D 36 14.15 -12.46 22.90
CA LEU D 36 14.28 -11.56 24.04
C LEU D 36 13.91 -12.27 25.34
N ASP D 37 14.77 -12.14 26.35
CA ASP D 37 14.36 -12.41 27.71
C ASP D 37 13.55 -11.23 28.25
N LEU D 38 12.65 -11.52 29.18
CA LEU D 38 11.78 -10.50 29.76
C LEU D 38 11.97 -10.44 31.27
N ALA D 39 11.76 -9.25 31.84
CA ALA D 39 11.80 -9.10 33.28
C ALA D 39 10.85 -7.99 33.70
N MET D 40 10.15 -8.22 34.80
CA MET D 40 9.28 -7.19 35.35
C MET D 40 10.14 -6.06 35.91
N PRO D 41 9.77 -4.80 35.65
CA PRO D 41 10.61 -3.69 36.10
C PRO D 41 10.67 -3.61 37.61
N ARG D 42 11.79 -3.12 38.12
CA ARG D 42 11.95 -2.94 39.56
C ARG D 42 10.87 -2.02 40.13
N GLU D 43 10.35 -1.09 39.31
CA GLU D 43 9.30 -0.17 39.76
C GLU D 43 8.00 -0.88 40.10
N LEU D 44 7.75 -2.06 39.52
CA LEU D 44 6.62 -2.90 39.89
C LEU D 44 7.04 -4.07 40.77
N GLY D 45 8.17 -3.93 41.47
CA GLY D 45 8.64 -4.99 42.33
C GLY D 45 9.36 -6.12 41.61
N GLY D 46 9.94 -5.85 40.45
CA GLY D 46 10.59 -6.87 39.66
C GLY D 46 12.12 -6.85 39.77
N GLU D 47 12.73 -7.84 39.12
CA GLU D 47 14.17 -7.95 39.10
C GLU D 47 14.83 -6.99 38.13
N GLY D 48 14.10 -6.54 37.10
CA GLY D 48 14.72 -5.76 36.05
C GLY D 48 15.75 -6.59 35.32
N GLY D 49 16.69 -5.89 34.69
CA GLY D 49 17.78 -6.56 34.00
C GLY D 49 17.43 -7.14 32.65
N ALA D 50 16.16 -7.04 32.24
CA ALA D 50 15.73 -7.46 30.92
C ALA D 50 14.54 -6.60 30.52
N THR D 51 14.15 -6.72 29.26
CA THR D 51 13.14 -5.82 28.73
C THR D 51 11.74 -6.28 29.13
N ASN D 52 10.72 -5.58 28.62
CA ASN D 52 9.34 -5.77 29.03
C ASN D 52 8.44 -5.17 27.96
N PRO D 53 7.13 -5.41 28.02
CA PRO D 53 6.26 -4.97 26.91
C PRO D 53 6.16 -3.46 26.75
N GLU D 54 6.35 -2.67 27.82
CA GLU D 54 6.30 -1.22 27.64
C GLU D 54 7.50 -0.72 26.86
N GLN D 55 8.69 -1.26 27.16
CA GLN D 55 9.87 -0.89 26.37
C GLN D 55 9.71 -1.29 24.92
N LEU D 56 9.17 -2.48 24.68
CA LEU D 56 8.98 -2.93 23.30
C LEU D 56 8.02 -2.01 22.57
N PHE D 57 6.95 -1.57 23.24
CA PHE D 57 6.04 -0.60 22.63
C PHE D 57 6.75 0.71 22.37
N ALA D 58 7.56 1.17 23.32
CA ALA D 58 8.26 2.45 23.18
C ALA D 58 9.23 2.40 22.01
N ALA D 59 10.04 1.34 21.93
CA ALA D 59 10.98 1.18 20.83
C ALA D 59 10.26 1.06 19.49
N GLY D 60 9.17 0.28 19.46
CA GLY D 60 8.41 0.15 18.23
C GLY D 60 7.82 1.48 17.79
N TYR D 61 7.25 2.23 18.73
CA TYR D 61 6.61 3.49 18.38
C TYR D 61 7.62 4.51 17.89
N ALA D 62 8.77 4.59 18.57
CA ALA D 62 9.80 5.55 18.18
C ALA D 62 10.26 5.29 16.75
N ALA D 63 10.41 4.02 16.36
CA ALA D 63 10.85 3.70 15.01
C ALA D 63 9.74 3.98 14.00
N CYS D 64 8.51 3.56 14.29
CA CYS D 64 7.40 3.84 13.39
C CYS D 64 7.26 5.34 13.13
N PHE D 65 7.33 6.15 14.19
CA PHE D 65 7.10 7.57 14.01
C PHE D 65 8.27 8.25 13.30
N GLU D 66 9.50 7.77 13.51
CA GLU D 66 10.62 8.33 12.75
C GLU D 66 10.46 8.05 11.28
N SER D 67 10.15 6.79 10.93
CA SER D 67 9.91 6.44 9.54
C SER D 67 8.78 7.27 8.95
N ALA D 68 7.72 7.51 9.72
CA ALA D 68 6.63 8.35 9.24
C ALA D 68 7.11 9.78 8.95
N ILE D 69 7.93 10.34 9.84
CA ILE D 69 8.48 11.68 9.60
C ILE D 69 9.39 11.66 8.36
N ARG D 70 10.24 10.64 8.25
CA ARG D 70 11.12 10.54 7.10
C ARG D 70 10.34 10.26 5.82
N HIS D 71 9.21 9.57 5.91
CA HIS D 71 8.39 9.34 4.72
C HIS D 71 7.76 10.64 4.22
N VAL D 72 7.04 11.34 5.11
CA VAL D 72 6.31 12.54 4.70
C VAL D 72 7.28 13.57 4.13
N ALA D 73 8.43 13.74 4.77
CA ALA D 73 9.43 14.68 4.27
C ALA D 73 9.95 14.25 2.90
N ASN D 74 10.26 12.96 2.75
CA ASN D 74 10.78 12.46 1.49
C ASN D 74 9.75 12.56 0.36
N VAL D 75 8.47 12.50 0.70
CA VAL D 75 7.42 12.57 -0.32
C VAL D 75 7.11 14.01 -0.68
N GLN D 76 6.82 14.84 0.33
CA GLN D 76 6.45 16.24 0.07
C GLN D 76 7.63 17.09 -0.44
N LYS D 77 8.77 16.48 -0.75
CA LYS D 77 9.96 17.19 -1.23
C LYS D 77 10.48 18.16 -0.18
N ILE D 78 10.61 17.66 1.05
CA ILE D 78 11.11 18.46 2.16
C ILE D 78 12.59 18.18 2.35
N SER D 79 13.29 19.16 2.94
CA SER D 79 14.74 19.09 3.14
C SER D 79 15.01 18.86 4.64
N LEU D 80 15.12 17.59 5.02
CA LEU D 80 15.49 17.21 6.38
C LEU D 80 16.86 16.56 6.35
N GLU D 81 17.68 16.89 7.35
CA GLU D 81 19.02 16.34 7.43
C GLU D 81 19.05 15.08 8.30
N ASP D 82 19.05 15.26 9.62
CA ASP D 82 19.11 14.14 10.55
C ASP D 82 17.87 14.18 11.44
N VAL D 83 17.18 13.05 11.53
CA VAL D 83 15.96 12.93 12.32
C VAL D 83 16.22 11.89 13.41
N SER D 84 16.02 12.29 14.66
CA SER D 84 16.06 11.39 15.80
C SER D 84 14.71 11.43 16.51
N MET D 85 14.22 10.26 16.92
CA MET D 85 12.90 10.16 17.52
C MET D 85 13.00 9.54 18.92
N THR D 86 12.24 10.09 19.85
CA THR D 86 12.22 9.66 21.23
C THR D 86 10.77 9.43 21.66
N SER D 87 10.50 8.29 22.28
CA SER D 87 9.17 7.99 22.80
C SER D 87 9.26 7.64 24.27
N GLU D 88 8.36 8.23 25.05
CA GLU D 88 8.25 7.95 26.49
C GLU D 88 6.89 7.30 26.75
N VAL D 89 6.92 6.05 27.20
CA VAL D 89 5.71 5.27 27.48
C VAL D 89 5.59 5.12 28.98
N SER D 90 4.42 5.45 29.52
CA SER D 90 4.13 5.26 30.94
C SER D 90 2.94 4.34 31.10
N LEU D 91 2.99 3.52 32.16
CA LEU D 91 1.92 2.62 32.54
C LEU D 91 1.14 3.20 33.70
N TYR D 92 -0.21 3.13 33.61
CA TYR D 92 -1.10 3.68 34.63
C TYR D 92 -2.12 2.62 35.04
N ALA D 93 -2.59 2.71 36.27
CA ALA D 93 -3.67 1.85 36.74
C ALA D 93 -5.01 2.49 36.39
N THR D 94 -5.97 1.64 35.94
CA THR D 94 -7.27 2.26 35.73
C THR D 94 -8.24 1.86 36.85
N PRO D 95 -9.25 2.68 37.16
CA PRO D 95 -10.20 2.30 38.21
C PRO D 95 -10.89 0.97 37.96
N GLU D 96 -10.94 0.51 36.71
CA GLU D 96 -11.57 -0.76 36.38
C GLU D 96 -10.62 -1.93 36.59
N LYS D 97 -9.65 -1.76 37.48
CA LYS D 97 -8.68 -2.78 37.88
C LYS D 97 -7.75 -3.18 36.74
N GLY D 98 -7.77 -2.45 35.62
CA GLY D 98 -6.89 -2.72 34.51
C GLY D 98 -5.72 -1.76 34.44
N PHE D 99 -5.09 -1.74 33.28
CA PHE D 99 -3.96 -0.85 33.06
C PHE D 99 -4.07 -0.23 31.68
N LYS D 100 -3.51 0.97 31.55
CA LYS D 100 -3.50 1.66 30.27
C LYS D 100 -2.16 2.36 30.09
N LEU D 101 -1.82 2.66 28.83
CA LEU D 101 -0.59 3.33 28.48
C LEU D 101 -0.85 4.81 28.26
N GLY D 102 0.18 5.61 28.52
CA GLY D 102 0.22 6.98 28.05
C GLY D 102 1.55 7.19 27.38
N VAL D 103 1.58 8.13 26.42
CA VAL D 103 2.74 8.31 25.55
C VAL D 103 3.06 9.79 25.39
N ALA D 104 4.37 10.09 25.38
CA ALA D 104 4.89 11.38 24.95
C ALA D 104 5.92 11.13 23.87
N LEU D 105 5.78 11.83 22.74
CA LEU D 105 6.70 11.70 21.62
C LEU D 105 7.45 13.01 21.44
N HIS D 106 8.75 12.91 21.16
CA HIS D 106 9.59 14.09 20.91
C HIS D 106 10.44 13.83 19.67
N ALA D 107 10.24 14.65 18.64
CA ALA D 107 11.00 14.57 17.41
C ALA D 107 12.12 15.60 17.47
N HIS D 108 13.33 15.16 17.18
CA HIS D 108 14.49 16.04 17.04
C HIS D 108 14.79 16.15 15.55
N ILE D 109 14.37 17.26 14.94
CA ILE D 109 14.54 17.47 13.51
C ILE D 109 15.61 18.52 13.28
N THR D 110 16.25 18.45 12.12
CA THR D 110 17.31 19.38 11.76
C THR D 110 17.06 19.92 10.36
N GLY D 111 16.96 21.23 10.23
CA GLY D 111 16.90 21.87 8.92
C GLY D 111 15.55 22.42 8.54
N LEU D 112 14.78 22.92 9.51
CA LEU D 112 13.47 23.48 9.21
C LEU D 112 13.04 24.38 10.35
N ASN D 113 12.31 25.44 10.01
CA ASN D 113 11.68 26.28 11.03
C ASN D 113 10.70 25.43 11.86
N GLN D 114 10.45 25.90 13.08
CA GLN D 114 9.55 25.17 13.97
C GLN D 114 8.19 24.93 13.32
N ASN D 115 7.74 25.89 12.50
CA ASN D 115 6.50 25.68 11.75
C ASN D 115 6.64 24.53 10.76
N GLU D 116 7.74 24.52 9.99
CA GLU D 116 7.98 23.43 9.06
C GLU D 116 8.11 22.10 9.79
N ALA D 117 8.52 22.14 11.05
CA ALA D 117 8.68 20.90 11.83
C ALA D 117 7.36 20.47 12.45
N GLU D 118 6.64 21.40 13.09
CA GLU D 118 5.36 21.05 13.69
C GLU D 118 4.36 20.55 12.65
N ALA D 119 4.30 21.21 11.49
CA ALA D 119 3.41 20.74 10.43
C ALA D 119 3.84 19.37 9.91
N LEU D 120 5.14 19.14 9.82
CA LEU D 120 5.65 17.85 9.37
C LEU D 120 5.29 16.76 10.37
N VAL D 121 5.55 17.00 11.65
CA VAL D 121 5.28 16.00 12.67
C VAL D 121 3.78 15.69 12.74
N ALA D 122 2.94 16.72 12.61
CA ALA D 122 1.50 16.53 12.61
C ALA D 122 1.06 15.60 11.49
N LYS D 123 1.64 15.77 10.29
CA LYS D 123 1.27 14.92 9.16
C LYS D 123 1.76 13.50 9.37
N ALA D 124 2.97 13.34 9.92
CA ALA D 124 3.47 12.00 10.18
C ALA D 124 2.62 11.29 11.22
N HIS D 125 2.03 12.05 12.15
CA HIS D 125 1.14 11.47 13.16
C HIS D 125 -0.06 10.80 12.51
N GLU D 126 -0.58 11.37 11.43
CA GLU D 126 -1.73 10.79 10.76
C GLU D 126 -1.38 9.53 9.98
N VAL D 127 -0.10 9.27 9.75
CA VAL D 127 0.33 8.16 8.92
C VAL D 127 0.88 6.97 9.71
N CYS D 128 1.48 7.19 10.89
CA CYS D 128 2.15 6.09 11.58
C CYS D 128 1.15 5.04 12.02
N PRO D 129 1.35 3.76 11.66
CA PRO D 129 0.43 2.69 12.08
C PRO D 129 0.22 2.64 13.59
N TYR D 130 1.27 2.88 14.39
CA TYR D 130 1.08 2.90 15.84
C TYR D 130 0.13 4.01 16.25
N SER D 131 0.27 5.20 15.67
CA SER D 131 -0.58 6.31 16.06
C SER D 131 -2.04 6.02 15.72
N ASN D 132 -2.30 5.53 14.51
CA ASN D 132 -3.68 5.22 14.15
C ASN D 132 -4.22 4.05 14.99
N ALA D 133 -3.36 3.13 15.42
CA ALA D 133 -3.83 1.99 16.20
C ALA D 133 -4.38 2.41 17.57
N ILE D 134 -3.85 3.48 18.15
CA ILE D 134 -4.18 3.87 19.52
C ILE D 134 -5.05 5.11 19.58
N ARG D 135 -5.45 5.66 18.43
CA ARG D 135 -6.24 6.89 18.41
CA ARG D 135 -6.26 6.88 18.38
C ARG D 135 -7.53 6.73 19.20
N GLY D 136 -7.85 7.74 19.99
CA GLY D 136 -9.07 7.74 20.78
C GLY D 136 -9.02 6.90 22.04
N ASN D 137 -7.94 6.15 22.28
CA ASN D 137 -7.72 5.34 23.49
C ASN D 137 -6.55 5.80 24.32
N VAL D 138 -5.49 6.28 23.69
CA VAL D 138 -4.25 6.62 24.37
C VAL D 138 -4.00 8.10 24.16
N ASP D 139 -3.70 8.79 25.25
CA ASP D 139 -3.28 10.18 25.18
C ASP D 139 -1.86 10.23 24.65
N VAL D 140 -1.66 10.98 23.56
CA VAL D 140 -0.35 11.10 22.94
C VAL D 140 0.02 12.57 22.92
N LYS D 141 1.15 12.91 23.53
CA LYS D 141 1.64 14.27 23.60
C LYS D 141 2.80 14.42 22.61
N LEU D 142 2.64 15.30 21.65
CA LEU D 142 3.62 15.47 20.59
C LEU D 142 4.47 16.72 20.83
N SER D 143 5.74 16.64 20.43
CA SER D 143 6.66 17.78 20.52
C SER D 143 7.77 17.61 19.48
N VAL D 144 8.26 18.73 18.96
CA VAL D 144 9.34 18.71 17.98
C VAL D 144 10.40 19.73 18.38
N SER D 145 11.67 19.38 18.18
CA SER D 145 12.79 20.25 18.48
C SER D 145 13.70 20.35 17.26
N VAL D 146 14.48 21.42 17.23
CA VAL D 146 15.43 21.68 16.15
C VAL D 146 16.73 22.25 16.71
CL CL E . -12.55 11.48 -28.02
CL CL F . -10.95 -9.07 -12.34
CL CL G . 8.24 -13.89 12.09
#